data_3HR9
#
_entry.id   3HR9
#
_cell.length_a   60.300
_cell.length_b   68.030
_cell.length_c   70.460
_cell.angle_alpha   90.00
_cell.angle_beta   90.00
_cell.angle_gamma   90.00
#
_symmetry.space_group_name_H-M   'P 21 21 21'
#
loop_
_entity.id
_entity.type
_entity.pdbx_description
1 polymer Beta-glucanase
2 non-polymer 'CALCIUM ION'
3 non-polymer 2-AMINO-2-HYDROXYMETHYL-PROPANE-1,3-DIOL
4 non-polymer 'ACETATE ION'
5 water water
#
_entity_poly.entity_id   1
_entity_poly.type   'polypeptide(L)'
_entity_poly.pdbx_seq_one_letter_code
;SAKDFSGAELYTLEEVQYGKFEARMKMAAASGTVSSMILYQNGSEIADGRPWVEVDIEVLGKNPGSFQSNIITGKAGAQK
TSEKHHAVSPAADQAFHTYGLEWTPNYVRWTVDGQEVRKTEGGQVSNLTGTQGLRFNLWSSESAAWVGQFDESKLPLFQF
INWVKVYKYTPGQGEGGSDFTLDWTDNFDTFDGSRWGKGDWTFDGNRVDLTDKNIYSRDGMLILALTRKGQESFNGQVPR
D
;
_entity_poly.pdbx_strand_id   A
#
loop_
_chem_comp.id
_chem_comp.type
_chem_comp.name
_chem_comp.formula
ACT non-polymer 'ACETATE ION' 'C2 H3 O2 -1'
CA non-polymer 'CALCIUM ION' 'Ca 2'
TRS non-polymer 2-AMINO-2-HYDROXYMETHYL-PROPANE-1,3-DIOL 'C4 H12 N O3 1'
#
# COMPACT_ATOMS: atom_id res chain seq x y z
N SER A 1 16.21 -8.47 -10.96
CA SER A 1 16.41 -8.46 -12.44
C SER A 1 17.51 -7.50 -12.89
N ALA A 2 17.17 -6.41 -13.57
CA ALA A 2 18.20 -5.49 -14.04
C ALA A 2 18.50 -4.31 -13.11
N LYS A 3 17.73 -4.14 -12.05
CA LYS A 3 18.01 -3.03 -11.15
C LYS A 3 18.98 -3.39 -10.04
N ASP A 4 19.47 -2.38 -9.33
CA ASP A 4 20.48 -2.58 -8.28
C ASP A 4 19.94 -2.78 -6.86
N PHE A 5 18.63 -2.66 -6.69
CA PHE A 5 18.02 -2.81 -5.37
C PHE A 5 16.81 -3.71 -5.46
N SER A 6 16.47 -4.32 -4.33
CA SER A 6 15.34 -5.23 -4.25
C SER A 6 14.27 -4.74 -3.28
N GLY A 7 13.03 -4.63 -3.78
CA GLY A 7 11.93 -4.24 -2.93
C GLY A 7 10.90 -5.36 -2.90
N ALA A 8 9.67 -5.01 -2.54
CA ALA A 8 8.65 -6.05 -2.41
C ALA A 8 7.22 -5.55 -2.60
N GLU A 9 6.36 -6.44 -3.06
CA GLU A 9 4.94 -6.09 -3.23
C GLU A 9 4.08 -7.29 -2.89
N LEU A 10 3.18 -7.10 -1.93
CA LEU A 10 2.22 -8.13 -1.53
C LEU A 10 0.90 -7.70 -2.21
N TYR A 11 0.25 -8.60 -2.94
CA TYR A 11 -0.99 -8.18 -3.60
C TYR A 11 -2.06 -9.26 -3.57
N THR A 12 -3.32 -8.85 -3.47
CA THR A 12 -4.36 -9.86 -3.46
C THR A 12 -4.51 -10.44 -4.87
N LEU A 13 -4.70 -11.75 -4.92
CA LEU A 13 -4.88 -12.36 -6.22
C LEU A 13 -6.21 -11.94 -6.80
N GLU A 14 -7.21 -11.80 -5.94
CA GLU A 14 -8.56 -11.39 -6.37
C GLU A 14 -8.74 -9.88 -6.30
N GLU A 15 -9.60 -9.36 -7.18
CA GLU A 15 -9.93 -7.93 -7.16
C GLU A 15 -11.40 -7.81 -6.77
N VAL A 16 -11.81 -6.67 -6.21
CA VAL A 16 -13.22 -6.50 -5.81
C VAL A 16 -13.77 -5.15 -6.23
N GLN A 17 -15.10 -5.03 -6.24
CA GLN A 17 -15.72 -3.74 -6.54
C GLN A 17 -16.28 -3.21 -5.22
N TYR A 18 -15.64 -2.14 -4.73
CA TYR A 18 -15.98 -1.45 -3.49
C TYR A 18 -15.63 -2.27 -2.26
N GLY A 19 -15.55 -1.60 -1.12
CA GLY A 19 -15.26 -2.32 0.11
C GLY A 19 -14.54 -1.46 1.14
N LYS A 20 -14.21 -2.05 2.28
CA LYS A 20 -13.44 -1.34 3.28
C LYS A 20 -12.23 -2.24 3.48
N PHE A 21 -11.07 -1.62 3.64
CA PHE A 21 -9.82 -2.37 3.75
C PHE A 21 -8.98 -1.80 4.89
N GLU A 22 -8.55 -2.67 5.81
CA GLU A 22 -7.76 -2.22 6.95
C GLU A 22 -6.48 -3.02 7.06
N ALA A 23 -5.38 -2.34 7.39
CA ALA A 23 -4.11 -3.05 7.55
C ALA A 23 -3.41 -2.48 8.76
N ARG A 24 -2.96 -3.37 9.66
CA ARG A 24 -2.27 -2.98 10.89
C ARG A 24 -0.77 -3.05 10.55
N MET A 25 -0.11 -1.89 10.49
CA MET A 25 1.29 -1.89 10.05
C MET A 25 2.21 -0.89 10.69
N LYS A 26 3.50 -1.23 10.62
CA LYS A 26 4.56 -0.33 11.06
C LYS A 26 5.27 -0.15 9.72
N MET A 27 5.34 1.08 9.25
CA MET A 27 5.91 1.35 7.94
C MET A 27 7.41 1.54 7.91
N ALA A 28 7.98 1.46 6.73
CA ALA A 28 9.40 1.69 6.55
C ALA A 28 9.59 3.12 6.05
N ALA A 29 10.70 3.76 6.43
CA ALA A 29 10.97 5.09 5.95
C ALA A 29 12.41 5.52 6.11
N ALA A 30 12.97 6.04 5.04
CA ALA A 30 14.32 6.61 5.03
C ALA A 30 14.26 7.49 3.80
N SER A 31 15.10 8.52 3.75
CA SER A 31 15.07 9.39 2.60
C SER A 31 15.14 8.57 1.31
N GLY A 32 14.19 8.79 0.39
CA GLY A 32 14.19 8.08 -0.88
C GLY A 32 13.22 6.91 -1.00
N THR A 33 12.59 6.49 0.10
CA THR A 33 11.69 5.32 0.07
C THR A 33 10.19 5.62 -0.05
N VAL A 34 9.45 4.59 -0.46
CA VAL A 34 7.99 4.65 -0.57
C VAL A 34 7.54 3.35 0.10
N SER A 35 6.63 3.45 1.07
CA SER A 35 6.12 2.31 1.87
C SER A 35 4.61 2.52 1.79
N SER A 36 3.86 1.54 1.27
CA SER A 36 2.46 1.80 0.97
C SER A 36 1.41 0.76 1.27
N MET A 37 0.17 1.22 1.12
CA MET A 37 -1.04 0.36 1.16
C MET A 37 -1.84 1.00 0.02
N ILE A 38 -2.23 0.21 -0.99
CA ILE A 38 -2.98 0.78 -2.10
C ILE A 38 -4.09 -0.15 -2.60
N LEU A 39 -5.01 0.44 -3.37
CA LEU A 39 -6.05 -0.32 -4.04
C LEU A 39 -5.59 -0.09 -5.51
N TYR A 40 -5.59 -1.14 -6.32
CA TYR A 40 -5.07 -1.01 -7.67
C TYR A 40 -5.80 -1.89 -8.66
N GLN A 41 -6.23 -1.32 -9.78
CA GLN A 41 -6.90 -2.09 -10.85
C GLN A 41 -5.77 -2.64 -11.75
N ASN A 42 -5.52 -3.95 -11.70
CA ASN A 42 -4.41 -4.51 -12.48
C ASN A 42 -4.52 -4.21 -13.95
N GLY A 43 -3.40 -3.80 -14.55
CA GLY A 43 -3.42 -3.45 -15.96
C GLY A 43 -3.55 -1.96 -16.20
N SER A 44 -3.80 -1.19 -15.13
CA SER A 44 -3.93 0.25 -15.26
C SER A 44 -2.73 0.85 -15.97
N GLU A 45 -1.56 0.24 -15.77
CA GLU A 45 -0.31 0.75 -16.33
C GLU A 45 -0.13 0.58 -17.83
N ILE A 46 -1.00 -0.22 -18.46
CA ILE A 46 -0.89 -0.47 -19.89
C ILE A 46 -1.40 0.74 -20.66
N ALA A 47 -0.55 1.29 -21.51
CA ALA A 47 -0.96 2.48 -22.24
C ALA A 47 -1.71 2.21 -23.52
N ASP A 48 -2.83 1.48 -23.43
CA ASP A 48 -3.61 1.17 -24.62
C ASP A 48 -4.90 2.00 -24.67
N GLY A 49 -5.04 2.94 -23.74
CA GLY A 49 -6.24 3.78 -23.74
C GLY A 49 -7.23 3.50 -22.64
N ARG A 50 -7.08 2.38 -21.94
CA ARG A 50 -7.97 2.01 -20.84
C ARG A 50 -7.71 2.97 -19.67
N PRO A 51 -8.68 3.09 -18.75
CA PRO A 51 -8.53 3.97 -17.59
C PRO A 51 -7.56 3.46 -16.54
N TRP A 52 -7.06 4.39 -15.74
CA TRP A 52 -6.18 4.05 -14.63
C TRP A 52 -7.12 4.16 -13.43
N VAL A 53 -7.05 3.18 -12.53
CA VAL A 53 -7.89 3.14 -11.33
C VAL A 53 -6.98 2.72 -10.17
N GLU A 54 -6.79 3.65 -9.24
CA GLU A 54 -5.92 3.40 -8.10
C GLU A 54 -6.21 4.38 -6.93
N VAL A 55 -6.08 3.88 -5.69
CA VAL A 55 -6.24 4.70 -4.48
C VAL A 55 -5.01 4.40 -3.63
N ASP A 56 -4.34 5.45 -3.16
CA ASP A 56 -3.10 5.27 -2.40
C ASP A 56 -2.95 5.81 -1.00
N ILE A 57 -2.12 5.08 -0.25
CA ILE A 57 -1.58 5.52 1.05
C ILE A 57 -0.08 5.29 0.86
N GLU A 58 0.71 6.36 0.88
CA GLU A 58 2.13 6.21 0.67
C GLU A 58 2.95 7.03 1.67
N VAL A 59 3.76 6.34 2.47
CA VAL A 59 4.67 7.03 3.38
C VAL A 59 5.90 7.34 2.53
N LEU A 60 6.20 8.65 2.38
CA LEU A 60 7.35 9.13 1.59
C LEU A 60 8.49 9.22 2.62
N GLY A 61 9.58 8.49 2.34
CA GLY A 61 10.68 8.34 3.26
C GLY A 61 11.26 9.50 4.03
N LYS A 62 11.40 10.63 3.38
CA LYS A 62 11.96 11.83 4.04
C LYS A 62 11.01 12.38 5.10
N ASN A 63 9.75 11.97 5.05
CA ASN A 63 8.75 12.44 6.00
C ASN A 63 7.97 11.33 6.68
N PRO A 64 8.62 10.62 7.60
CA PRO A 64 8.01 9.51 8.35
C PRO A 64 6.83 9.89 9.22
N GLY A 65 6.71 11.17 9.58
CA GLY A 65 5.60 11.62 10.40
C GLY A 65 4.31 11.92 9.64
N SER A 66 4.21 11.47 8.40
CA SER A 66 2.99 11.70 7.63
C SER A 66 2.92 10.70 6.49
N PHE A 67 1.79 10.68 5.79
CA PHE A 67 1.66 9.85 4.59
C PHE A 67 0.91 10.66 3.54
N GLN A 68 1.14 10.31 2.28
CA GLN A 68 0.46 11.00 1.20
C GLN A 68 -0.70 10.13 0.75
N SER A 69 -1.87 10.75 0.61
CA SER A 69 -3.05 10.04 0.10
C SER A 69 -3.18 10.44 -1.37
N ASN A 70 -3.78 9.57 -2.17
CA ASN A 70 -3.93 9.93 -3.59
C ASN A 70 -5.00 9.07 -4.19
N ILE A 71 -5.56 9.57 -5.29
CA ILE A 71 -6.49 8.81 -6.12
C ILE A 71 -5.92 9.06 -7.50
N ILE A 72 -5.68 8.00 -8.27
CA ILE A 72 -5.17 8.17 -9.62
C ILE A 72 -6.21 7.69 -10.62
N THR A 73 -6.66 8.61 -11.47
CA THR A 73 -7.60 8.28 -12.52
C THR A 73 -7.01 8.78 -13.84
N GLY A 74 -7.84 9.02 -14.84
CA GLY A 74 -7.30 9.42 -16.13
C GLY A 74 -6.77 8.16 -16.80
N LYS A 75 -5.60 8.23 -17.43
CA LYS A 75 -5.02 7.06 -18.08
C LYS A 75 -3.49 7.12 -18.09
N ALA A 76 -2.85 5.99 -18.39
CA ALA A 76 -1.38 5.95 -18.39
C ALA A 76 -0.89 7.03 -19.35
N GLY A 77 0.09 7.81 -18.89
CA GLY A 77 0.63 8.89 -19.68
C GLY A 77 -0.14 10.19 -19.51
N ALA A 78 -1.32 10.10 -18.91
CA ALA A 78 -2.18 11.26 -18.67
C ALA A 78 -3.00 11.05 -17.41
N GLN A 79 -2.32 10.86 -16.28
CA GLN A 79 -3.02 10.62 -15.03
C GLN A 79 -3.61 11.89 -14.45
N LYS A 80 -4.71 11.73 -13.71
CA LYS A 80 -5.37 12.81 -12.98
C LYS A 80 -5.09 12.37 -11.53
N THR A 81 -4.56 13.27 -10.70
CA THR A 81 -4.22 12.94 -9.32
C THR A 81 -4.75 13.97 -8.33
N SER A 82 -4.59 13.70 -7.04
CA SER A 82 -5.10 14.60 -5.99
C SER A 82 -4.33 14.36 -4.71
N GLU A 83 -3.03 14.55 -4.78
CA GLU A 83 -2.16 14.32 -3.63
C GLU A 83 -2.47 15.21 -2.45
N LYS A 84 -2.54 14.63 -1.26
CA LYS A 84 -2.74 15.37 -0.01
C LYS A 84 -1.86 14.68 1.03
N HIS A 85 -1.60 15.35 2.14
CA HIS A 85 -0.72 14.80 3.17
C HIS A 85 -1.38 14.84 4.53
N HIS A 86 -1.09 13.83 5.33
CA HIS A 86 -1.71 13.68 6.65
C HIS A 86 -0.70 13.29 7.69
N ALA A 87 -0.69 14.02 8.79
CA ALA A 87 0.23 13.75 9.88
C ALA A 87 -0.14 12.45 10.56
N VAL A 88 0.87 11.70 10.96
CA VAL A 88 0.67 10.44 11.68
C VAL A 88 1.53 10.51 12.93
N SER A 89 0.97 10.12 14.06
CA SER A 89 1.69 10.15 15.31
C SER A 89 1.34 9.00 16.25
N PRO A 90 2.35 8.27 16.77
CA PRO A 90 3.78 8.45 16.53
C PRO A 90 4.08 8.28 15.05
N ALA A 91 5.30 8.64 14.62
CA ALA A 91 5.68 8.49 13.20
C ALA A 91 5.41 7.10 12.66
N ALA A 92 5.12 7.04 11.36
CA ALA A 92 4.78 5.79 10.70
C ALA A 92 5.77 4.66 10.83
N ASP A 93 7.05 4.99 10.99
CA ASP A 93 8.05 3.96 11.11
C ASP A 93 8.41 3.70 12.56
N GLN A 94 7.72 4.39 13.47
CA GLN A 94 7.99 4.25 14.90
C GLN A 94 6.91 3.49 15.68
N ALA A 95 5.78 3.22 15.04
CA ALA A 95 4.70 2.52 15.72
C ALA A 95 3.75 1.88 14.74
N PHE A 96 2.97 0.92 15.22
CA PHE A 96 1.96 0.30 14.37
C PHE A 96 0.74 1.22 14.41
N HIS A 97 0.05 1.29 13.29
CA HIS A 97 -1.18 2.09 13.17
C HIS A 97 -2.09 1.25 12.32
N THR A 98 -3.39 1.50 12.43
CA THR A 98 -4.35 0.76 11.60
C THR A 98 -4.74 1.70 10.48
N TYR A 99 -4.35 1.36 9.26
CA TYR A 99 -4.66 2.19 8.10
C TYR A 99 -5.90 1.67 7.40
N GLY A 100 -6.84 2.58 7.12
CA GLY A 100 -8.07 2.17 6.48
C GLY A 100 -8.42 2.91 5.21
N LEU A 101 -8.97 2.16 4.26
CA LEU A 101 -9.44 2.74 3.01
C LEU A 101 -10.88 2.27 2.81
N GLU A 102 -11.79 3.20 2.50
CA GLU A 102 -13.16 2.83 2.18
C GLU A 102 -13.41 3.31 0.77
N TRP A 103 -14.03 2.48 -0.06
CA TRP A 103 -14.29 2.86 -1.44
C TRP A 103 -15.72 2.44 -1.76
N THR A 104 -16.55 3.42 -2.10
CA THR A 104 -17.94 3.13 -2.42
C THR A 104 -18.27 3.90 -3.69
N PRO A 105 -19.49 3.71 -4.23
CA PRO A 105 -19.87 4.43 -5.43
C PRO A 105 -19.90 5.95 -5.18
N ASN A 106 -20.05 6.36 -3.93
CA ASN A 106 -20.17 7.78 -3.57
C ASN A 106 -18.91 8.45 -3.03
N TYR A 107 -18.00 7.70 -2.40
CA TYR A 107 -16.81 8.36 -1.84
C TYR A 107 -15.66 7.40 -1.61
N VAL A 108 -14.49 7.99 -1.30
CA VAL A 108 -13.30 7.24 -0.92
C VAL A 108 -12.92 7.91 0.40
N ARG A 109 -12.65 7.10 1.42
CA ARG A 109 -12.31 7.63 2.73
C ARG A 109 -11.02 6.97 3.25
N TRP A 110 -10.20 7.77 3.92
CA TRP A 110 -8.94 7.32 4.48
C TRP A 110 -9.03 7.48 6.00
N THR A 111 -8.68 6.45 6.75
CA THR A 111 -8.69 6.53 8.23
C THR A 111 -7.37 6.03 8.82
N VAL A 112 -7.01 6.58 9.97
CA VAL A 112 -5.83 6.13 10.71
C VAL A 112 -6.31 5.86 12.11
N ASP A 113 -6.19 4.61 12.56
CA ASP A 113 -6.63 4.22 13.89
C ASP A 113 -8.10 4.60 14.09
N GLY A 114 -8.88 4.38 13.04
CA GLY A 114 -10.32 4.64 13.05
C GLY A 114 -10.75 6.08 12.85
N GLN A 115 -9.80 7.00 12.75
CA GLN A 115 -10.16 8.40 12.59
C GLN A 115 -10.03 8.84 11.15
N GLU A 116 -11.04 9.56 10.65
CA GLU A 116 -10.97 10.03 9.27
C GLU A 116 -9.90 11.08 9.09
N VAL A 117 -9.06 10.94 8.07
CA VAL A 117 -8.08 11.98 7.79
C VAL A 117 -8.39 12.61 6.43
N ARG A 118 -9.21 11.93 5.62
CA ARG A 118 -9.60 12.45 4.32
C ARG A 118 -10.84 11.74 3.79
N LYS A 119 -11.72 12.49 3.13
CA LYS A 119 -12.90 11.93 2.48
C LYS A 119 -13.06 12.69 1.18
N THR A 120 -13.03 11.96 0.06
CA THR A 120 -13.14 12.57 -1.25
C THR A 120 -14.37 12.09 -1.99
N GLU A 121 -15.03 13.04 -2.63
CA GLU A 121 -16.22 12.76 -3.41
C GLU A 121 -16.03 13.37 -4.80
N GLY A 122 -16.97 13.14 -5.71
CA GLY A 122 -16.88 13.79 -7.01
C GLY A 122 -16.32 13.08 -8.24
N GLY A 123 -15.66 13.88 -9.09
CA GLY A 123 -15.15 13.37 -10.35
C GLY A 123 -14.28 12.14 -10.37
N GLN A 124 -13.22 12.16 -9.59
CA GLN A 124 -12.32 11.00 -9.60
C GLN A 124 -13.04 9.78 -9.03
N VAL A 125 -13.83 9.99 -7.99
CA VAL A 125 -14.55 8.86 -7.45
C VAL A 125 -15.47 8.22 -8.48
N SER A 126 -16.15 9.06 -9.28
CA SER A 126 -17.06 8.55 -10.29
C SER A 126 -16.31 7.74 -11.34
N ASN A 127 -15.01 7.96 -11.43
CA ASN A 127 -14.17 7.25 -12.38
C ASN A 127 -13.38 6.06 -11.82
N LEU A 128 -13.66 5.68 -10.58
CA LEU A 128 -13.02 4.50 -10.02
C LEU A 128 -14.02 3.37 -10.32
N THR A 129 -14.12 3.04 -11.60
CA THR A 129 -15.03 1.99 -12.04
C THR A 129 -14.32 0.63 -12.02
N GLY A 130 -15.07 -0.45 -12.17
CA GLY A 130 -14.40 -1.74 -12.16
C GLY A 130 -13.95 -2.24 -10.79
N THR A 131 -12.94 -3.10 -10.81
CA THR A 131 -12.46 -3.74 -9.59
C THR A 131 -11.05 -3.31 -9.23
N GLN A 132 -10.71 -3.49 -7.96
CA GLN A 132 -9.34 -3.20 -7.50
C GLN A 132 -8.88 -4.26 -6.52
N GLY A 133 -7.59 -4.57 -6.56
CA GLY A 133 -7.05 -5.51 -5.59
C GLY A 133 -6.35 -4.69 -4.52
N LEU A 134 -6.09 -5.30 -3.37
CA LEU A 134 -5.41 -4.60 -2.25
C LEU A 134 -3.92 -4.97 -2.29
N ARG A 135 -3.04 -3.97 -2.27
CA ARG A 135 -1.61 -4.23 -2.35
C ARG A 135 -0.82 -3.40 -1.37
N PHE A 136 0.38 -3.89 -1.08
CA PHE A 136 1.30 -3.20 -0.18
C PHE A 136 2.64 -3.28 -0.85
N ASN A 137 3.37 -2.16 -0.93
CA ASN A 137 4.67 -2.27 -1.55
C ASN A 137 5.69 -1.41 -0.86
N LEU A 138 6.95 -1.73 -1.11
CA LEU A 138 8.08 -1.05 -0.47
C LEU A 138 9.12 -0.91 -1.56
N TRP A 139 9.41 0.33 -1.96
CA TRP A 139 10.35 0.61 -3.02
C TRP A 139 11.04 1.96 -2.81
N SER A 140 11.73 2.44 -3.84
CA SER A 140 12.42 3.73 -3.72
C SER A 140 12.19 4.45 -5.02
N SER A 141 11.78 5.71 -4.93
CA SER A 141 11.48 6.52 -6.13
C SER A 141 12.67 7.35 -6.56
N GLU A 142 12.85 7.49 -7.86
CA GLU A 142 13.96 8.28 -8.38
C GLU A 142 13.69 9.78 -8.34
N SER A 143 12.48 10.17 -7.94
CA SER A 143 12.16 11.58 -7.84
C SER A 143 12.60 12.07 -6.47
N ALA A 144 13.76 12.71 -6.40
CA ALA A 144 14.24 13.18 -5.11
C ALA A 144 13.32 14.26 -4.51
N ALA A 145 12.66 15.03 -5.36
CA ALA A 145 11.79 16.09 -4.87
C ALA A 145 10.62 15.48 -4.07
N TRP A 146 10.18 14.30 -4.50
CA TRP A 146 9.05 13.63 -3.89
C TRP A 146 9.35 12.88 -2.60
N VAL A 147 10.43 12.11 -2.58
CA VAL A 147 10.77 11.28 -1.42
C VAL A 147 12.11 11.57 -0.73
N GLY A 148 12.88 12.47 -1.34
CA GLY A 148 14.20 12.82 -0.83
C GLY A 148 15.25 11.98 -1.52
N GLN A 149 16.51 12.41 -1.44
CA GLN A 149 17.60 11.65 -2.03
C GLN A 149 17.71 10.32 -1.31
N PHE A 150 17.96 9.25 -2.07
CA PHE A 150 18.03 7.91 -1.51
C PHE A 150 19.27 7.66 -0.66
N ASP A 151 19.07 7.43 0.62
CA ASP A 151 20.19 7.18 1.50
C ASP A 151 20.40 5.67 1.64
N GLU A 152 21.25 5.11 0.78
CA GLU A 152 21.54 3.69 0.82
C GLU A 152 22.09 3.18 2.16
N SER A 153 22.71 4.06 2.95
CA SER A 153 23.26 3.59 4.23
C SER A 153 22.21 3.17 5.23
N LYS A 154 20.94 3.54 4.98
CA LYS A 154 19.87 3.16 5.90
C LYS A 154 19.31 1.77 5.61
N LEU A 155 19.78 1.15 4.53
CA LEU A 155 19.30 -0.19 4.18
C LEU A 155 19.94 -1.25 5.06
N PRO A 156 19.24 -2.36 5.31
CA PRO A 156 17.90 -2.71 4.82
C PRO A 156 16.80 -2.06 5.64
N LEU A 157 15.61 -1.97 5.06
CA LEU A 157 14.44 -1.39 5.73
C LEU A 157 13.31 -2.42 5.63
N PHE A 158 12.43 -2.39 6.63
CA PHE A 158 11.33 -3.34 6.71
C PHE A 158 9.99 -2.71 7.04
N GLN A 159 8.94 -3.20 6.38
CA GLN A 159 7.56 -2.76 6.61
C GLN A 159 6.93 -4.01 7.18
N PHE A 160 6.27 -3.88 8.33
CA PHE A 160 5.66 -5.01 9.01
C PHE A 160 4.15 -4.94 8.96
N ILE A 161 3.51 -6.01 8.53
CA ILE A 161 2.06 -6.05 8.46
C ILE A 161 1.56 -7.14 9.43
N ASN A 162 0.86 -6.70 10.47
CA ASN A 162 0.41 -7.64 11.50
C ASN A 162 -0.84 -8.38 11.07
N TRP A 163 -1.76 -7.65 10.45
CA TRP A 163 -2.99 -8.26 9.95
C TRP A 163 -3.66 -7.36 8.93
N VAL A 164 -4.59 -7.96 8.19
CA VAL A 164 -5.39 -7.25 7.19
C VAL A 164 -6.82 -7.72 7.35
N LYS A 165 -7.76 -6.77 7.24
CA LYS A 165 -9.18 -7.08 7.27
C LYS A 165 -9.83 -6.48 6.00
N VAL A 166 -10.60 -7.29 5.29
CA VAL A 166 -11.29 -6.82 4.10
C VAL A 166 -12.79 -7.03 4.33
N TYR A 167 -13.54 -5.98 4.02
CA TYR A 167 -15.00 -5.93 4.21
C TYR A 167 -15.68 -5.74 2.88
N LYS A 168 -16.79 -6.43 2.68
CA LYS A 168 -17.57 -6.28 1.46
C LYS A 168 -18.43 -5.03 1.64
N TYR A 169 -18.75 -4.37 0.53
CA TYR A 169 -19.62 -3.20 0.52
C TYR A 169 -21.04 -3.79 0.55
N THR A 170 -21.73 -3.59 1.66
CA THR A 170 -23.09 -4.11 1.87
C THR A 170 -23.88 -2.91 2.40
N PRO A 171 -24.22 -1.97 1.51
CA PRO A 171 -24.95 -0.77 1.93
C PRO A 171 -26.19 -0.99 2.79
N GLY A 172 -26.14 -0.36 3.97
CA GLY A 172 -27.23 -0.45 4.91
C GLY A 172 -27.39 -1.81 5.58
N GLN A 173 -26.49 -2.76 5.30
CA GLN A 173 -26.59 -4.11 5.86
C GLN A 173 -25.48 -4.53 6.82
N GLY A 174 -24.51 -3.66 7.09
CA GLY A 174 -23.46 -4.01 8.03
C GLY A 174 -23.93 -3.78 9.45
N GLU A 175 -23.08 -4.05 10.43
CA GLU A 175 -23.47 -3.87 11.82
C GLU A 175 -23.84 -2.43 12.19
N GLY A 176 -24.87 -2.29 13.02
CA GLY A 176 -25.32 -0.97 13.43
C GLY A 176 -25.93 -0.27 12.23
N GLY A 177 -26.17 -1.04 11.17
CA GLY A 177 -26.73 -0.50 9.95
C GLY A 177 -25.70 0.16 9.07
N SER A 178 -24.41 -0.09 9.34
CA SER A 178 -23.32 0.49 8.56
C SER A 178 -23.31 -0.09 7.13
N ASP A 179 -22.36 0.34 6.31
CA ASP A 179 -22.30 -0.09 4.92
C ASP A 179 -21.30 -1.18 4.55
N PHE A 180 -20.64 -1.76 5.54
CA PHE A 180 -19.64 -2.80 5.27
C PHE A 180 -19.83 -4.03 6.16
N THR A 181 -19.44 -5.20 5.67
CA THR A 181 -19.54 -6.44 6.45
C THR A 181 -18.22 -7.17 6.28
N LEU A 182 -17.56 -7.49 7.40
CA LEU A 182 -16.27 -8.19 7.32
C LEU A 182 -16.40 -9.41 6.43
N ASP A 183 -15.45 -9.55 5.51
CA ASP A 183 -15.44 -10.66 4.55
C ASP A 183 -14.39 -11.67 5.00
N TRP A 184 -13.18 -11.20 5.25
CA TRP A 184 -12.10 -12.08 5.68
C TRP A 184 -10.99 -11.31 6.41
N THR A 185 -10.23 -12.05 7.21
CA THR A 185 -9.13 -11.47 7.96
C THR A 185 -7.93 -12.36 7.71
N ASP A 186 -6.75 -11.76 7.60
CA ASP A 186 -5.55 -12.59 7.45
C ASP A 186 -4.65 -12.10 8.60
N ASN A 187 -4.36 -12.96 9.57
CA ASN A 187 -3.50 -12.59 10.70
C ASN A 187 -2.00 -12.76 10.46
N PHE A 188 -1.70 -13.24 9.26
CA PHE A 188 -0.34 -13.47 8.77
C PHE A 188 0.52 -14.42 9.58
N ASP A 189 -0.10 -15.47 10.07
CA ASP A 189 0.66 -16.50 10.80
C ASP A 189 1.48 -17.22 9.74
N THR A 190 1.03 -17.12 8.48
CA THR A 190 1.76 -17.70 7.36
C THR A 190 1.48 -16.84 6.14
N PHE A 191 2.16 -17.16 5.05
CA PHE A 191 1.91 -16.48 3.78
C PHE A 191 0.89 -17.39 3.11
N ASP A 192 -0.32 -16.90 2.87
CA ASP A 192 -1.37 -17.68 2.25
C ASP A 192 -1.37 -17.48 0.73
N GLY A 193 -0.72 -18.40 0.04
CA GLY A 193 -0.61 -18.33 -1.40
C GLY A 193 -1.91 -18.51 -2.15
N SER A 194 -2.98 -18.87 -1.46
CA SER A 194 -4.26 -19.01 -2.13
C SER A 194 -4.98 -17.64 -2.16
N ARG A 195 -4.46 -16.70 -1.38
CA ARG A 195 -5.02 -15.36 -1.29
C ARG A 195 -4.10 -14.28 -1.86
N TRP A 196 -2.80 -14.43 -1.64
CA TRP A 196 -1.83 -13.40 -2.05
C TRP A 196 -0.79 -13.81 -3.06
N GLY A 197 -0.29 -12.80 -3.78
CA GLY A 197 0.78 -12.97 -4.73
C GLY A 197 1.95 -12.14 -4.23
N LYS A 198 3.15 -12.44 -4.72
CA LYS A 198 4.35 -11.69 -4.36
C LYS A 198 4.82 -11.09 -5.67
N GLY A 199 4.94 -9.77 -5.74
CA GLY A 199 5.35 -9.16 -7.00
C GLY A 199 6.79 -9.41 -7.48
N ASP A 200 6.93 -9.54 -8.78
CA ASP A 200 8.24 -9.74 -9.42
C ASP A 200 8.23 -8.94 -10.70
N TRP A 201 8.41 -7.62 -10.57
CA TRP A 201 8.47 -6.71 -11.71
C TRP A 201 8.96 -5.36 -11.22
N THR A 202 9.01 -4.39 -12.13
CA THR A 202 9.43 -3.06 -11.76
C THR A 202 8.70 -2.07 -12.69
N PHE A 203 8.97 -0.78 -12.52
CA PHE A 203 8.38 0.23 -13.36
C PHE A 203 9.28 1.44 -13.41
N ASP A 204 9.07 2.28 -14.40
CA ASP A 204 9.92 3.46 -14.55
C ASP A 204 9.80 4.39 -13.35
N GLY A 205 10.93 4.90 -12.89
CA GLY A 205 10.91 5.80 -11.75
C GLY A 205 11.16 5.06 -10.46
N ASN A 206 11.19 3.73 -10.53
CA ASN A 206 11.41 2.88 -9.36
C ASN A 206 12.82 2.34 -9.48
N ARG A 207 13.68 2.58 -8.50
CA ARG A 207 15.04 2.05 -8.65
C ARG A 207 15.21 0.63 -8.16
N VAL A 208 14.10 -0.02 -7.77
CA VAL A 208 14.19 -1.38 -7.30
C VAL A 208 13.38 -2.33 -8.15
N ASP A 209 13.79 -3.60 -8.10
CA ASP A 209 13.07 -4.70 -8.75
C ASP A 209 12.25 -5.26 -7.56
N LEU A 210 10.93 -5.34 -7.71
CA LEU A 210 10.11 -5.92 -6.65
C LEU A 210 10.40 -7.41 -6.79
N THR A 211 10.65 -8.07 -5.67
CA THR A 211 11.00 -9.50 -5.74
C THR A 211 10.38 -10.39 -4.67
N ASP A 212 10.08 -11.63 -5.01
CA ASP A 212 9.49 -12.49 -4.00
C ASP A 212 10.48 -12.87 -2.91
N LYS A 213 11.77 -12.60 -3.15
CA LYS A 213 12.78 -12.91 -2.15
C LYS A 213 12.63 -11.99 -0.93
N ASN A 214 12.00 -10.84 -1.13
CA ASN A 214 11.85 -9.88 -0.04
C ASN A 214 10.52 -9.80 0.70
N ILE A 215 9.79 -10.90 0.67
CA ILE A 215 8.58 -11.00 1.45
C ILE A 215 8.86 -12.15 2.42
N TYR A 216 8.79 -11.87 3.72
CA TYR A 216 9.07 -12.87 4.76
C TYR A 216 7.86 -13.01 5.71
N SER A 217 7.72 -14.18 6.32
CA SER A 217 6.65 -14.42 7.28
C SER A 217 7.36 -14.80 8.56
N ARG A 218 7.12 -14.06 9.63
CA ARG A 218 7.77 -14.34 10.90
C ARG A 218 7.00 -13.83 12.09
N ASP A 219 6.89 -14.66 13.11
CA ASP A 219 6.25 -14.27 14.36
C ASP A 219 4.89 -13.58 14.19
N GLY A 220 4.06 -14.12 13.29
CA GLY A 220 2.72 -13.56 13.13
C GLY A 220 2.64 -12.30 12.30
N MET A 221 3.72 -11.96 11.60
CA MET A 221 3.71 -10.79 10.74
C MET A 221 4.24 -11.10 9.37
N LEU A 222 3.80 -10.32 8.40
CA LEU A 222 4.26 -10.46 7.03
C LEU A 222 5.24 -9.29 6.89
N ILE A 223 6.45 -9.56 6.42
CA ILE A 223 7.47 -8.52 6.28
C ILE A 223 7.85 -8.22 4.84
N LEU A 224 7.87 -6.94 4.49
CA LEU A 224 8.31 -6.50 3.18
C LEU A 224 9.68 -5.89 3.41
N ALA A 225 10.67 -6.27 2.63
CA ALA A 225 12.00 -5.70 2.81
C ALA A 225 12.51 -4.91 1.61
N LEU A 226 13.34 -3.90 1.90
CA LEU A 226 13.97 -3.09 0.87
C LEU A 226 15.46 -3.32 1.13
N THR A 227 16.15 -3.96 0.21
CA THR A 227 17.57 -4.24 0.40
C THR A 227 18.36 -3.95 -0.83
N ARG A 228 19.69 -3.98 -0.68
CA ARG A 228 20.54 -3.84 -1.84
C ARG A 228 20.44 -5.20 -2.52
N LYS A 229 20.58 -5.23 -3.85
CA LYS A 229 20.49 -6.50 -4.58
C LYS A 229 21.60 -7.40 -4.08
N GLY A 230 21.25 -8.66 -3.87
CA GLY A 230 22.22 -9.62 -3.39
C GLY A 230 22.31 -9.66 -1.88
N GLN A 231 21.63 -8.74 -1.18
CA GLN A 231 21.64 -8.75 0.28
C GLN A 231 20.21 -8.96 0.79
N GLU A 232 19.42 -9.73 0.04
CA GLU A 232 18.02 -9.99 0.46
C GLU A 232 17.89 -10.94 1.64
N SER A 233 17.71 -10.39 2.84
CA SER A 233 17.55 -11.20 4.03
C SER A 233 16.92 -10.37 5.15
N PHE A 234 16.35 -11.09 6.12
CA PHE A 234 15.74 -10.50 7.31
C PHE A 234 16.23 -11.35 8.46
N ASN A 235 17.02 -10.77 9.36
CA ASN A 235 17.49 -11.55 10.49
C ASN A 235 17.11 -10.84 11.78
N GLY A 236 16.80 -9.55 11.67
CA GLY A 236 16.42 -8.74 12.83
C GLY A 236 15.31 -9.29 13.70
N GLN A 237 14.81 -8.44 14.60
CA GLN A 237 13.74 -8.81 15.53
C GLN A 237 12.39 -8.26 15.07
N VAL A 238 11.38 -9.12 14.97
CA VAL A 238 10.05 -8.65 14.57
C VAL A 238 9.48 -7.88 15.73
N PRO A 239 9.09 -6.61 15.50
CA PRO A 239 8.53 -5.81 16.58
C PRO A 239 7.24 -6.37 17.14
N ARG A 240 6.95 -5.96 18.37
CA ARG A 240 5.74 -6.40 19.06
C ARG A 240 4.70 -5.33 18.80
N ASP A 241 3.45 -5.72 18.56
CA ASP A 241 2.44 -4.71 18.34
C ASP A 241 1.67 -4.48 19.66
CA CA B . -0.49 -11.15 13.11
CA CA C . 22.09 7.94 -2.77
CA CA D . 5.42 -13.50 -8.11
C TRS E . 2.40 2.85 -8.02
C1 TRS E . 3.18 2.11 -6.92
C2 TRS E . 1.83 4.22 -7.50
C3 TRS E . 1.26 1.96 -8.52
N TRS E . 3.32 3.12 -9.16
O1 TRS E . 2.31 1.83 -5.82
O2 TRS E . 2.86 5.17 -6.97
O3 TRS E . 1.70 0.65 -9.02
C ACT F . 6.62 -16.80 2.93
O ACT F . 6.33 -17.40 1.91
OXT ACT F . 6.61 -17.40 4.02
CH3 ACT F . 6.96 -15.34 2.88
C ACT G . 3.76 2.68 -13.77
O ACT G . 3.46 1.50 -13.64
OXT ACT G . 3.65 3.45 -12.81
CH3 ACT G . 4.27 3.20 -15.09
C ACT H . 5.71 11.51 -8.59
O ACT H . 5.60 12.65 -8.18
OXT ACT H . 6.81 11.07 -8.89
CH3 ACT H . 4.49 10.63 -8.71
#